data_8AS9
#
_entry.id   8AS9
#
_cell.length_a   207.022
_cell.length_b   207.022
_cell.length_c   151.859
_cell.angle_alpha   90.000
_cell.angle_beta   90.000
_cell.angle_gamma   120.000
#
_symmetry.space_group_name_H-M   'H 3 2'
#
loop_
_entity.id
_entity.type
_entity.pdbx_description
1 polymer 'B-cell lymphoma 6 protein'
2 polymer 'KN-motif NCoR1 BBD fusion,Nuclear receptor corepressor 1'
3 polymer Talin-1
4 non-polymer 'SULFATE ION'
5 non-polymer GLYCEROL
#
loop_
_entity_poly.entity_id
_entity_poly.type
_entity_poly.pdbx_seq_one_letter_code
_entity_poly.pdbx_strand_id
1 'polypeptide(L)'
;GPSSDLYLRPGGGDSQIQFTRHASDVLLNLNRLRSRDILTDVVIVVSREQFRAHKTVLMACSGLFYSIFTDQLKRNLSVI
NLDPEINPEGFNILLDFMYTSRLNLREGNIMAVMATAMYLQMEHVVDTCRKFIKASE
;
A,B
2 'polypeptide(L)' PYFVETPYGFQLDLDFVKYVDDIQKGNTIKKGGGGITTIKEMGRSIHEIPR D
3 'polypeptide(L)'
;GIDPFTKHGQKECDNALRQLETVRELLENPVQPINDMSYFGCLDSVMENSKVLGEAMTGISQNAKNGNLPEFGDAIATAS
KALCGFTEAAAQAAYLVGVSDPNSQAGQQGLVEPTQFARANQAIQMACQSLGEPGCTQAQVLSAATIVAKHTSALCNSCR
LASARTANPTAKRQFVQSAKEVANSTANLVKTIKALDGDFTEENRAQCRAATAPLLEAVDNLSAFASNPEFSSVPAQISP
EGRAAMEPIVISAKTMLESAGGLIQTARALAVNPRDPPRWSVLAGHSRTVSDSIKKLITSMRDKAPGQL
;
C
#
loop_
_chem_comp.id
_chem_comp.type
_chem_comp.name
_chem_comp.formula
GOL non-polymer GLYCEROL 'C3 H8 O3'
SO4 non-polymer 'SULFATE ION' 'O4 S -2'
#
# COMPACT_ATOMS: atom_id res chain seq x y z
N SER A 15 -5.07 20.23 10.30
CA SER A 15 -4.21 19.98 9.13
C SER A 15 -4.96 19.18 8.07
N GLN A 16 -4.70 19.50 6.80
CA GLN A 16 -5.30 18.81 5.66
C GLN A 16 -4.18 18.27 4.80
N ILE A 17 -3.98 16.96 4.83
CA ILE A 17 -2.89 16.32 4.09
C ILE A 17 -3.36 16.03 2.67
N GLN A 18 -2.54 16.39 1.70
CA GLN A 18 -2.86 16.23 0.28
C GLN A 18 -2.08 15.04 -0.27
N PHE A 19 -2.79 13.94 -0.54
CA PHE A 19 -2.19 12.77 -1.18
C PHE A 19 -2.20 13.01 -2.69
N THR A 20 -1.07 13.47 -3.22
CA THR A 20 -1.00 13.85 -4.63
C THR A 20 -1.14 12.63 -5.54
N ARG A 21 -0.59 11.49 -5.13
CA ARG A 21 -0.63 10.29 -5.95
C ARG A 21 -1.92 9.49 -5.78
N HIS A 22 -2.89 10.00 -5.03
CA HIS A 22 -4.11 9.24 -4.79
C HIS A 22 -4.97 9.15 -6.04
N ALA A 23 -5.08 10.24 -6.79
CA ALA A 23 -5.94 10.25 -7.97
C ALA A 23 -5.47 9.26 -9.01
N SER A 24 -4.16 9.13 -9.20
N SER A 24 -4.15 9.13 -9.19
CA SER A 24 -3.63 8.19 -10.17
CA SER A 24 -3.63 8.19 -10.17
C SER A 24 -3.75 6.75 -9.69
C SER A 24 -3.75 6.75 -9.69
N ASP A 25 -3.73 6.53 -8.38
CA ASP A 25 -3.85 5.17 -7.85
C ASP A 25 -5.28 4.66 -7.98
N VAL A 26 -6.27 5.54 -7.83
CA VAL A 26 -7.66 5.13 -7.98
C VAL A 26 -7.93 4.72 -9.43
N LEU A 27 -7.45 5.53 -10.39
CA LEU A 27 -7.66 5.20 -11.80
C LEU A 27 -6.94 3.92 -12.17
N LEU A 28 -5.73 3.71 -11.65
CA LEU A 28 -5.00 2.48 -11.92
C LEU A 28 -5.71 1.27 -11.36
N ASN A 29 -6.24 1.38 -10.13
CA ASN A 29 -7.00 0.29 -9.54
C ASN A 29 -8.30 0.06 -10.30
N LEU A 30 -8.94 1.13 -10.78
CA LEU A 30 -10.12 0.97 -11.62
C LEU A 30 -9.77 0.25 -12.92
N ASN A 31 -8.56 0.47 -13.43
CA ASN A 31 -8.12 -0.26 -14.62
C ASN A 31 -7.82 -1.72 -14.30
N ARG A 32 -7.34 -2.00 -13.08
CA ARG A 32 -7.14 -3.39 -12.66
C ARG A 32 -8.46 -4.13 -12.60
N LEU A 33 -9.53 -3.46 -12.15
CA LEU A 33 -10.83 -4.10 -12.07
C LEU A 33 -11.40 -4.40 -13.46
N ARG A 34 -11.16 -3.49 -14.41
CA ARG A 34 -11.64 -3.73 -15.78
C ARG A 34 -10.86 -4.86 -16.43
N SER A 35 -9.54 -4.91 -16.23
CA SER A 35 -8.72 -5.97 -16.80
C SER A 35 -9.07 -7.33 -16.23
N ARG A 36 -9.75 -7.39 -15.09
CA ARG A 36 -10.16 -8.64 -14.48
C ARG A 36 -11.68 -8.82 -14.49
N ASP A 37 -12.41 -7.95 -15.17
CA ASP A 37 -13.87 -8.02 -15.28
C ASP A 37 -14.53 -8.01 -13.89
N ILE A 38 -13.99 -7.20 -13.00
CA ILE A 38 -14.49 -7.09 -11.63
C ILE A 38 -15.51 -5.96 -11.58
N LEU A 39 -16.78 -6.32 -11.35
CA LEU A 39 -17.87 -5.35 -11.21
C LEU A 39 -18.05 -4.50 -12.47
N THR A 40 -17.72 -5.05 -13.63
CA THR A 40 -18.03 -4.41 -14.90
C THR A 40 -19.52 -4.55 -15.16
N ASP A 41 -20.23 -3.42 -15.16
CA ASP A 41 -21.69 -3.41 -15.16
C ASP A 41 -22.31 -3.05 -16.50
N VAL A 42 -21.52 -2.99 -17.56
CA VAL A 42 -22.06 -2.64 -18.88
C VAL A 42 -21.13 -3.23 -19.94
N VAL A 43 -21.71 -3.58 -21.08
CA VAL A 43 -20.97 -4.10 -22.24
C VAL A 43 -21.25 -3.17 -23.40
N ILE A 44 -20.23 -2.46 -23.87
CA ILE A 44 -20.36 -1.53 -24.97
C ILE A 44 -20.04 -2.29 -26.26
N VAL A 45 -21.09 -2.58 -27.05
CA VAL A 45 -20.95 -3.35 -28.27
C VAL A 45 -20.83 -2.40 -29.45
N VAL A 46 -19.69 -2.43 -30.12
CA VAL A 46 -19.47 -1.67 -31.34
C VAL A 46 -19.20 -2.69 -32.46
N SER A 47 -19.98 -2.60 -33.54
CA SER A 47 -19.94 -3.57 -34.62
C SER A 47 -20.18 -4.98 -34.09
N ARG A 48 -19.13 -5.80 -34.08
CA ARG A 48 -19.21 -7.17 -33.56
C ARG A 48 -18.25 -7.41 -32.41
N GLU A 49 -17.67 -6.37 -31.83
CA GLU A 49 -16.69 -6.51 -30.75
C GLU A 49 -17.32 -6.12 -29.42
N GLN A 50 -16.98 -6.86 -28.37
CA GLN A 50 -17.49 -6.62 -27.03
C GLN A 50 -16.50 -5.77 -26.25
N PHE A 51 -17.03 -4.86 -25.43
CA PHE A 51 -16.21 -4.00 -24.57
C PHE A 51 -16.93 -3.84 -23.24
N ARG A 52 -16.38 -4.45 -22.20
CA ARG A 52 -16.94 -4.34 -20.86
C ARG A 52 -16.18 -3.28 -20.06
N ALA A 53 -16.93 -2.44 -19.35
CA ALA A 53 -16.35 -1.36 -18.57
C ALA A 53 -17.30 -1.01 -17.43
N HIS A 54 -16.93 0.02 -16.67
CA HIS A 54 -17.73 0.49 -15.54
C HIS A 54 -18.48 1.74 -15.95
N LYS A 55 -19.78 1.79 -15.60
CA LYS A 55 -20.61 2.92 -15.99
C LYS A 55 -20.11 4.23 -15.38
N THR A 56 -19.61 4.17 -14.14
CA THR A 56 -19.16 5.38 -13.48
C THR A 56 -17.95 5.98 -14.18
N VAL A 57 -17.07 5.15 -14.72
CA VAL A 57 -15.91 5.66 -15.44
C VAL A 57 -16.31 6.19 -16.80
N LEU A 58 -17.29 5.55 -17.44
CA LEU A 58 -17.75 6.00 -18.75
C LEU A 58 -18.45 7.34 -18.65
N MET A 59 -19.26 7.55 -17.61
CA MET A 59 -19.95 8.82 -17.44
C MET A 59 -18.98 9.94 -17.06
N ALA A 60 -17.93 9.60 -16.31
CA ALA A 60 -16.99 10.63 -15.87
C ALA A 60 -16.17 11.17 -17.03
N CYS A 61 -15.93 10.36 -18.06
CA CYS A 61 -15.08 10.74 -19.17
C CYS A 61 -15.84 11.13 -20.42
N SER A 62 -16.94 10.43 -20.73
CA SER A 62 -17.70 10.66 -21.94
C SER A 62 -19.00 11.37 -21.61
N GLY A 63 -19.24 12.51 -22.27
CA GLY A 63 -20.51 13.20 -22.10
C GLY A 63 -21.69 12.44 -22.70
N LEU A 64 -21.43 11.61 -23.71
CA LEU A 64 -22.48 10.79 -24.29
C LEU A 64 -22.97 9.75 -23.30
N PHE A 65 -22.05 8.94 -22.76
CA PHE A 65 -22.44 7.92 -21.79
C PHE A 65 -23.04 8.53 -20.54
N TYR A 66 -22.63 9.76 -20.19
CA TYR A 66 -23.27 10.46 -19.09
C TYR A 66 -24.75 10.69 -19.38
N SER A 67 -25.07 11.10 -20.61
CA SER A 67 -26.47 11.33 -20.97
C SER A 67 -27.25 10.03 -21.06
N ILE A 68 -26.58 8.91 -21.32
CA ILE A 68 -27.27 7.63 -21.47
C ILE A 68 -27.71 7.11 -20.11
N PHE A 69 -26.77 7.00 -19.17
CA PHE A 69 -27.06 6.40 -17.88
C PHE A 69 -27.73 7.35 -16.91
N THR A 70 -27.70 8.66 -17.19
CA THR A 70 -28.54 9.58 -16.42
C THR A 70 -30.00 9.50 -16.83
N ASP A 71 -30.28 9.01 -18.04
CA ASP A 71 -31.65 8.76 -18.45
C ASP A 71 -32.23 7.64 -17.59
N GLN A 72 -33.34 7.94 -16.90
CA GLN A 72 -33.90 7.00 -15.94
C GLN A 72 -34.33 5.70 -16.62
N LEU A 73 -34.79 5.78 -17.87
CA LEU A 73 -35.19 4.58 -18.60
C LEU A 73 -34.01 3.81 -19.19
N LYS A 74 -32.79 4.35 -19.09
CA LYS A 74 -31.61 3.69 -19.62
C LYS A 74 -30.50 3.57 -18.58
N ARG A 75 -30.79 3.78 -17.30
CA ARG A 75 -29.76 3.72 -16.28
C ARG A 75 -29.36 2.28 -15.96
N ASN A 76 -30.29 1.35 -16.04
CA ASN A 76 -30.02 -0.05 -15.71
C ASN A 76 -29.96 -0.91 -16.96
N LEU A 77 -29.18 -0.48 -17.96
CA LEU A 77 -28.96 -1.25 -19.17
C LEU A 77 -27.64 -2.02 -19.06
N SER A 78 -27.70 -3.31 -19.38
CA SER A 78 -26.52 -4.16 -19.34
C SER A 78 -25.69 -4.10 -20.62
N VAL A 79 -26.33 -3.90 -21.78
CA VAL A 79 -25.64 -3.85 -23.07
C VAL A 79 -25.98 -2.54 -23.74
N ILE A 80 -24.96 -1.87 -24.28
CA ILE A 80 -25.12 -0.62 -25.00
C ILE A 80 -24.51 -0.81 -26.39
N ASN A 81 -25.35 -0.79 -27.42
CA ASN A 81 -24.92 -0.97 -28.80
C ASN A 81 -24.73 0.40 -29.44
N LEU A 82 -23.49 0.72 -29.79
CA LEU A 82 -23.17 1.99 -30.43
C LEU A 82 -23.60 1.96 -31.90
N ASP A 83 -23.42 3.10 -32.56
CA ASP A 83 -23.73 3.18 -33.99
C ASP A 83 -22.75 2.33 -34.80
N PRO A 84 -23.22 1.65 -35.83
CA PRO A 84 -22.30 0.80 -36.63
C PRO A 84 -21.16 1.57 -37.27
N GLU A 85 -21.34 2.85 -37.59
CA GLU A 85 -20.29 3.63 -38.20
C GLU A 85 -19.12 3.89 -37.26
N ILE A 86 -19.30 3.65 -35.96
CA ILE A 86 -18.22 3.87 -35.00
C ILE A 86 -17.16 2.80 -35.19
N ASN A 87 -15.90 3.24 -35.26
CA ASN A 87 -14.80 2.30 -35.44
C ASN A 87 -14.51 1.60 -34.13
N PRO A 88 -14.46 0.26 -34.12
CA PRO A 88 -14.17 -0.45 -32.86
C PRO A 88 -12.79 -0.16 -32.32
N GLU A 89 -11.77 -0.17 -33.18
CA GLU A 89 -10.40 0.11 -32.73
C GLU A 89 -10.26 1.55 -32.26
N GLY A 90 -10.99 2.48 -32.87
CA GLY A 90 -10.95 3.86 -32.41
C GLY A 90 -11.57 4.02 -31.03
N PHE A 91 -12.69 3.33 -30.79
CA PHE A 91 -13.31 3.37 -29.47
C PHE A 91 -12.44 2.68 -28.42
N ASN A 92 -11.70 1.64 -28.83
CA ASN A 92 -10.83 0.93 -27.89
C ASN A 92 -9.72 1.84 -27.37
N ILE A 93 -9.16 2.68 -28.25
CA ILE A 93 -8.12 3.62 -27.83
C ILE A 93 -8.70 4.64 -26.86
N LEU A 94 -9.95 5.05 -27.07
CA LEU A 94 -10.58 5.99 -26.14
C LEU A 94 -10.90 5.33 -24.81
N LEU A 95 -11.42 4.10 -24.84
CA LEU A 95 -11.69 3.39 -23.59
C LEU A 95 -10.42 3.15 -22.80
N ASP A 96 -9.33 2.80 -23.49
CA ASP A 96 -8.05 2.63 -22.80
CA ASP A 96 -8.05 2.63 -22.80
C ASP A 96 -7.54 3.95 -22.24
N PHE A 97 -7.84 5.06 -22.91
CA PHE A 97 -7.45 6.37 -22.40
C PHE A 97 -8.19 6.73 -21.12
N MET A 98 -9.46 6.30 -21.00
CA MET A 98 -10.24 6.62 -19.81
C MET A 98 -9.65 5.97 -18.57
N TYR A 99 -9.03 4.80 -18.71
CA TYR A 99 -8.50 4.07 -17.58
C TYR A 99 -7.00 4.23 -17.39
N THR A 100 -6.28 4.74 -18.41
CA THR A 100 -4.83 4.83 -18.34
C THR A 100 -4.28 6.24 -18.59
N SER A 101 -5.15 7.22 -18.87
N SER A 101 -5.15 7.22 -18.87
CA SER A 101 -4.73 8.60 -19.16
CA SER A 101 -4.74 8.60 -19.16
C SER A 101 -3.78 8.68 -20.34
C SER A 101 -3.75 8.67 -20.32
N ARG A 102 -3.72 7.63 -21.16
CA ARG A 102 -2.81 7.56 -22.30
C ARG A 102 -3.62 7.45 -23.58
N LEU A 103 -3.38 8.39 -24.49
CA LEU A 103 -4.06 8.42 -25.80
C LEU A 103 -3.03 8.07 -26.87
N ASN A 104 -3.15 6.87 -27.42
CA ASN A 104 -2.22 6.38 -28.43
C ASN A 104 -2.74 6.73 -29.82
N LEU A 105 -1.98 7.52 -30.57
CA LEU A 105 -2.34 7.95 -31.91
C LEU A 105 -1.31 7.45 -32.91
N ARG A 106 -1.79 6.82 -33.97
CA ARG A 106 -0.95 6.34 -35.06
C ARG A 106 -1.17 7.23 -36.30
N GLU A 107 -0.40 6.94 -37.35
CA GLU A 107 -0.56 7.68 -38.59
C GLU A 107 -1.82 7.28 -39.36
N GLY A 108 -2.60 6.33 -38.85
CA GLY A 108 -3.82 5.91 -39.49
C GLY A 108 -5.04 6.09 -38.63
N ASN A 109 -5.02 5.53 -37.42
CA ASN A 109 -6.19 5.53 -36.55
C ASN A 109 -6.50 6.92 -35.99
N ILE A 110 -5.72 7.94 -36.30
CA ILE A 110 -5.91 9.25 -35.69
C ILE A 110 -7.27 9.84 -36.07
N MET A 111 -7.75 9.57 -37.28
CA MET A 111 -9.05 10.08 -37.68
C MET A 111 -10.18 9.30 -37.00
N ALA A 112 -10.02 7.98 -36.86
CA ALA A 112 -11.03 7.19 -36.17
C ALA A 112 -11.11 7.55 -34.69
N VAL A 113 -9.98 7.91 -34.08
CA VAL A 113 -10.01 8.34 -32.68
C VAL A 113 -10.66 9.72 -32.57
N MET A 114 -10.37 10.62 -33.50
CA MET A 114 -10.94 11.96 -33.46
C MET A 114 -12.45 11.91 -33.70
N ALA A 115 -12.90 11.05 -34.61
CA ALA A 115 -14.33 10.96 -34.90
C ALA A 115 -15.08 10.30 -33.75
N THR A 116 -14.52 9.24 -33.18
CA THR A 116 -15.19 8.57 -32.07
C THR A 116 -15.19 9.44 -30.81
N ALA A 117 -14.19 10.31 -30.66
CA ALA A 117 -14.13 11.17 -29.49
C ALA A 117 -15.29 12.16 -29.47
N MET A 118 -15.57 12.79 -30.62
CA MET A 118 -16.69 13.73 -30.68
C MET A 118 -18.03 13.01 -30.67
N TYR A 119 -18.07 11.73 -31.06
CA TYR A 119 -19.29 10.95 -30.90
C TYR A 119 -19.57 10.68 -29.43
N LEU A 120 -18.50 10.43 -28.64
CA LEU A 120 -18.63 10.25 -27.21
C LEU A 120 -18.70 11.56 -26.44
N GLN A 121 -18.72 12.69 -27.15
CA GLN A 121 -18.81 14.02 -26.53
C GLN A 121 -17.64 14.27 -25.58
N MET A 122 -16.43 13.97 -26.06
CA MET A 122 -15.19 14.20 -25.32
C MET A 122 -14.44 15.31 -26.06
N GLU A 123 -14.87 16.55 -25.84
CA GLU A 123 -14.41 17.65 -26.66
C GLU A 123 -12.93 17.96 -26.43
N HIS A 124 -12.43 17.76 -25.21
CA HIS A 124 -11.02 18.03 -24.95
C HIS A 124 -10.12 17.06 -25.69
N VAL A 125 -10.54 15.79 -25.79
CA VAL A 125 -9.79 14.83 -26.59
C VAL A 125 -9.88 15.19 -28.07
N VAL A 126 -11.00 15.78 -28.50
CA VAL A 126 -11.14 16.20 -29.88
C VAL A 126 -10.16 17.32 -30.21
N ASP A 127 -10.07 18.32 -29.33
CA ASP A 127 -9.15 19.43 -29.56
C ASP A 127 -7.70 19.00 -29.53
N THR A 128 -7.38 17.99 -28.71
CA THR A 128 -6.02 17.45 -28.70
C THR A 128 -5.69 16.81 -30.04
N CYS A 129 -6.65 16.08 -30.63
CA CYS A 129 -6.45 15.52 -31.95
C CYS A 129 -6.40 16.60 -33.02
N ARG A 130 -7.12 17.70 -32.81
CA ARG A 130 -7.02 18.83 -33.74
C ARG A 130 -5.63 19.46 -33.69
N LYS A 131 -5.04 19.54 -32.51
CA LYS A 131 -3.69 20.08 -32.40
C LYS A 131 -2.66 19.16 -33.04
N PHE A 132 -2.82 17.84 -32.86
CA PHE A 132 -1.84 16.91 -33.39
C PHE A 132 -1.93 16.77 -34.90
N ILE A 133 -3.13 16.90 -35.46
CA ILE A 133 -3.28 16.79 -36.91
C ILE A 133 -2.72 18.00 -37.63
N LYS A 134 -2.52 19.12 -36.92
CA LYS A 134 -1.91 20.29 -37.53
C LYS A 134 -0.45 20.04 -37.86
N ALA A 135 0.31 19.53 -36.89
CA ALA A 135 1.73 19.24 -37.10
C ALA A 135 1.91 17.95 -37.89
N SER B 4 3.70 18.29 -60.88
CA SER B 4 3.95 17.20 -59.94
C SER B 4 2.83 17.13 -58.90
N ASP B 5 2.97 16.19 -57.95
CA ASP B 5 2.00 15.99 -56.90
C ASP B 5 2.70 16.00 -55.55
N LEU B 6 1.91 15.83 -54.49
CA LEU B 6 2.45 15.76 -53.14
C LEU B 6 1.44 15.05 -52.25
N TYR B 7 1.94 14.39 -51.22
CA TYR B 7 1.13 13.59 -50.32
C TYR B 7 0.98 14.31 -48.98
N LEU B 8 -0.19 14.13 -48.37
CA LEU B 8 -0.58 14.82 -47.14
C LEU B 8 -0.83 13.78 -46.04
N ARG B 9 0.21 13.48 -45.26
CA ARG B 9 0.12 12.53 -44.18
C ARG B 9 0.65 13.16 -42.89
N PRO B 10 0.05 12.83 -41.74
CA PRO B 10 0.55 13.32 -40.45
C PRO B 10 1.77 12.54 -39.95
N GLY B 11 2.80 12.43 -40.80
CA GLY B 11 4.00 11.71 -40.43
C GLY B 11 3.79 10.21 -40.42
N GLY B 12 4.72 9.52 -39.74
CA GLY B 12 4.67 8.08 -39.60
C GLY B 12 5.04 7.66 -38.19
N GLY B 13 4.96 6.34 -37.97
CA GLY B 13 5.30 5.79 -36.67
C GLY B 13 4.14 5.82 -35.68
N ASP B 14 4.44 5.96 -34.39
CA ASP B 14 3.42 5.99 -33.35
C ASP B 14 3.65 7.19 -32.44
N SER B 15 2.62 7.52 -31.67
CA SER B 15 2.69 8.60 -30.70
C SER B 15 1.66 8.37 -29.61
N GLN B 16 2.02 8.75 -28.38
CA GLN B 16 1.14 8.59 -27.22
C GLN B 16 1.05 9.92 -26.49
N ILE B 17 -0.16 10.42 -26.31
CA ILE B 17 -0.40 11.69 -25.61
C ILE B 17 -0.76 11.38 -24.17
N GLN B 18 -0.01 11.98 -23.24
CA GLN B 18 -0.18 11.73 -21.81
C GLN B 18 -0.96 12.88 -21.20
N PHE B 19 -2.23 12.64 -20.89
CA PHE B 19 -3.05 13.60 -20.16
C PHE B 19 -2.71 13.48 -18.68
N THR B 20 -1.92 14.42 -18.17
CA THR B 20 -1.40 14.31 -16.81
C THR B 20 -2.51 14.44 -15.78
N ARG B 21 -3.37 15.44 -15.91
CA ARG B 21 -4.43 15.69 -14.94
C ARG B 21 -5.70 14.90 -15.24
N HIS B 22 -5.61 13.85 -16.06
CA HIS B 22 -6.79 13.05 -16.36
C HIS B 22 -7.26 12.27 -15.13
N ALA B 23 -6.32 11.72 -14.36
CA ALA B 23 -6.70 10.95 -13.18
C ALA B 23 -7.40 11.83 -12.15
N SER B 24 -6.96 13.08 -12.02
N SER B 24 -6.97 13.09 -12.02
CA SER B 24 -7.61 14.00 -11.08
CA SER B 24 -7.62 14.00 -11.09
C SER B 24 -9.00 14.40 -11.55
C SER B 24 -9.01 14.38 -11.56
N ASP B 25 -9.20 14.52 -12.87
CA ASP B 25 -10.51 14.88 -13.39
C ASP B 25 -11.50 13.73 -13.24
N VAL B 26 -11.04 12.49 -13.38
CA VAL B 26 -11.91 11.34 -13.19
C VAL B 26 -12.37 11.25 -11.74
N LEU B 27 -11.44 11.40 -10.80
CA LEU B 27 -11.80 11.33 -9.39
C LEU B 27 -12.71 12.48 -8.99
N LEU B 28 -12.50 13.67 -9.57
CA LEU B 28 -13.38 14.79 -9.28
C LEU B 28 -14.79 14.54 -9.85
N ASN B 29 -14.87 14.00 -11.06
CA ASN B 29 -16.17 13.70 -11.64
C ASN B 29 -16.87 12.58 -10.88
N LEU B 30 -16.11 11.59 -10.42
CA LEU B 30 -16.71 10.54 -9.59
C LEU B 30 -17.25 11.10 -8.28
N ASN B 31 -16.54 12.09 -7.71
CA ASN B 31 -17.04 12.71 -6.49
C ASN B 31 -18.28 13.55 -6.76
N ARG B 32 -18.39 14.15 -7.95
CA ARG B 32 -19.61 14.88 -8.30
C ARG B 32 -20.78 13.93 -8.44
N LEU B 33 -20.54 12.72 -8.95
CA LEU B 33 -21.61 11.72 -9.05
C LEU B 33 -22.09 11.29 -7.67
N ARG B 34 -21.17 11.17 -6.71
CA ARG B 34 -21.55 10.78 -5.36
C ARG B 34 -22.33 11.89 -4.68
N SER B 35 -21.91 13.15 -4.85
CA SER B 35 -22.62 14.26 -4.24
C SER B 35 -24.03 14.42 -4.81
N ARG B 36 -24.24 14.02 -6.07
CA ARG B 36 -25.55 14.06 -6.69
C ARG B 36 -26.25 12.71 -6.63
N ASP B 37 -25.67 11.73 -5.95
CA ASP B 37 -26.26 10.40 -5.79
C ASP B 37 -26.55 9.76 -7.16
N ILE B 38 -25.56 9.81 -8.04
CA ILE B 38 -25.67 9.29 -9.39
C ILE B 38 -24.99 7.93 -9.44
N LEU B 39 -25.79 6.88 -9.68
CA LEU B 39 -25.30 5.51 -9.78
C LEU B 39 -24.56 5.06 -8.53
N THR B 40 -24.97 5.57 -7.37
CA THR B 40 -24.45 5.08 -6.10
C THR B 40 -25.04 3.70 -5.84
N ASP B 41 -24.21 2.66 -5.94
CA ASP B 41 -24.69 1.28 -5.96
C ASP B 41 -24.62 0.60 -4.60
N VAL B 42 -24.25 1.31 -3.54
CA VAL B 42 -24.15 0.72 -2.21
C VAL B 42 -24.30 1.82 -1.18
N VAL B 43 -24.81 1.46 -0.01
CA VAL B 43 -24.92 2.35 1.14
C VAL B 43 -24.19 1.70 2.31
N ILE B 44 -23.23 2.41 2.88
CA ILE B 44 -22.40 1.89 3.97
C ILE B 44 -22.97 2.42 5.28
N VAL B 45 -23.46 1.51 6.12
CA VAL B 45 -24.03 1.87 7.41
C VAL B 45 -22.94 1.73 8.48
N VAL B 46 -22.70 2.82 9.21
CA VAL B 46 -21.69 2.84 10.28
C VAL B 46 -22.41 3.37 11.53
N SER B 47 -22.91 2.46 12.36
CA SER B 47 -23.61 2.79 13.60
C SER B 47 -24.80 3.71 13.33
N ARG B 48 -25.77 3.14 12.62
CA ARG B 48 -27.03 3.81 12.26
C ARG B 48 -26.80 5.09 11.45
N GLU B 49 -25.63 5.23 10.83
CA GLU B 49 -25.31 6.38 10.00
C GLU B 49 -24.95 5.89 8.61
N GLN B 50 -25.75 6.27 7.62
CA GLN B 50 -25.62 5.75 6.27
C GLN B 50 -24.64 6.57 5.44
N PHE B 51 -24.00 5.90 4.48
CA PHE B 51 -23.08 6.56 3.57
C PHE B 51 -23.20 5.88 2.21
N ARG B 52 -23.75 6.58 1.22
CA ARG B 52 -23.86 6.06 -0.13
C ARG B 52 -22.63 6.43 -0.94
N ALA B 53 -22.13 5.48 -1.72
CA ALA B 53 -20.93 5.67 -2.52
C ALA B 53 -20.97 4.70 -3.69
N HIS B 54 -19.85 4.61 -4.42
CA HIS B 54 -19.71 3.70 -5.55
C HIS B 54 -18.82 2.54 -5.14
N LYS B 55 -19.27 1.32 -5.46
CA LYS B 55 -18.51 0.13 -5.08
C LYS B 55 -17.12 0.12 -5.72
N THR B 56 -17.03 0.53 -6.98
CA THR B 56 -15.74 0.52 -7.67
C THR B 56 -14.74 1.47 -7.02
N VAL B 57 -15.22 2.59 -6.48
CA VAL B 57 -14.31 3.53 -5.83
C VAL B 57 -13.89 3.01 -4.47
N LEU B 58 -14.80 2.35 -3.75
CA LEU B 58 -14.45 1.77 -2.46
C LEU B 58 -13.41 0.66 -2.62
N MET B 59 -13.50 -0.12 -3.69
CA MET B 59 -12.53 -1.19 -3.90
C MET B 59 -11.19 -0.66 -4.37
N ALA B 60 -11.20 0.47 -5.09
CA ALA B 60 -9.97 1.11 -5.57
C ALA B 60 -9.18 1.78 -4.46
N CYS B 61 -9.77 1.99 -3.29
CA CYS B 61 -9.10 2.68 -2.19
C CYS B 61 -8.95 1.81 -0.95
N SER B 62 -9.96 1.02 -0.61
CA SER B 62 -9.97 0.22 0.61
C SER B 62 -9.75 -1.26 0.27
N GLY B 63 -8.78 -1.88 0.93
CA GLY B 63 -8.57 -3.31 0.78
C GLY B 63 -9.65 -4.15 1.41
N LEU B 64 -10.38 -3.60 2.39
CA LEU B 64 -11.49 -4.33 2.99
C LEU B 64 -12.68 -4.40 2.04
N PHE B 65 -13.11 -3.24 1.52
CA PHE B 65 -14.22 -3.23 0.57
C PHE B 65 -13.90 -4.02 -0.69
N TYR B 66 -12.62 -4.07 -1.08
CA TYR B 66 -12.23 -4.97 -2.16
C TYR B 66 -12.53 -6.41 -1.80
N SER B 67 -12.22 -6.82 -0.58
CA SER B 67 -12.49 -8.18 -0.15
C SER B 67 -13.98 -8.44 -0.01
N ILE B 68 -14.76 -7.40 0.31
CA ILE B 68 -16.20 -7.59 0.52
C ILE B 68 -16.92 -7.82 -0.79
N PHE B 69 -16.60 -7.02 -1.82
CA PHE B 69 -17.33 -7.10 -3.08
C PHE B 69 -16.71 -8.08 -4.06
N THR B 70 -15.47 -8.51 -3.86
CA THR B 70 -14.96 -9.65 -4.60
C THR B 70 -15.51 -10.96 -4.08
N ASP B 71 -16.03 -10.97 -2.86
CA ASP B 71 -16.80 -12.12 -2.37
C ASP B 71 -18.08 -12.25 -3.19
N GLN B 72 -18.30 -13.45 -3.75
CA GLN B 72 -19.41 -13.62 -4.67
C GLN B 72 -20.75 -13.48 -3.97
N LEU B 73 -20.90 -14.10 -2.79
CA LEU B 73 -22.16 -14.00 -2.06
C LEU B 73 -22.34 -12.64 -1.38
N LYS B 74 -21.38 -11.73 -1.54
CA LYS B 74 -21.52 -10.36 -1.05
C LYS B 74 -21.23 -9.33 -2.13
N ARG B 75 -21.19 -9.74 -3.40
CA ARG B 75 -20.84 -8.81 -4.47
C ARG B 75 -22.00 -7.89 -4.80
N ASN B 76 -23.20 -8.44 -4.95
CA ASN B 76 -24.39 -7.67 -5.32
C ASN B 76 -25.21 -7.29 -4.09
N LEU B 77 -24.55 -6.75 -3.08
CA LEU B 77 -25.21 -6.32 -1.85
C LEU B 77 -25.54 -4.83 -1.92
N SER B 78 -26.78 -4.48 -1.56
N SER B 78 -26.78 -4.48 -1.56
CA SER B 78 -27.18 -3.08 -1.58
CA SER B 78 -27.18 -3.08 -1.58
C SER B 78 -26.69 -2.34 -0.34
C SER B 78 -26.69 -2.34 -0.34
N VAL B 79 -26.75 -2.98 0.82
CA VAL B 79 -26.34 -2.38 2.09
C VAL B 79 -25.18 -3.18 2.66
N ILE B 80 -24.21 -2.46 3.23
CA ILE B 80 -23.05 -3.06 3.89
C ILE B 80 -22.95 -2.46 5.28
N ASN B 81 -23.17 -3.28 6.30
CA ASN B 81 -23.10 -2.85 7.69
C ASN B 81 -21.71 -3.17 8.23
N LEU B 82 -20.96 -2.13 8.58
CA LEU B 82 -19.63 -2.31 9.15
C LEU B 82 -19.75 -2.73 10.62
N ASP B 83 -18.60 -3.02 11.24
CA ASP B 83 -18.59 -3.39 12.64
C ASP B 83 -19.04 -2.23 13.51
N PRO B 84 -19.73 -2.51 14.63
CA PRO B 84 -20.23 -1.43 15.47
C PRO B 84 -19.13 -0.61 16.13
N GLU B 85 -17.91 -1.14 16.23
CA GLU B 85 -16.79 -0.42 16.82
C GLU B 85 -16.13 0.56 15.86
N ILE B 86 -16.73 0.80 14.70
CA ILE B 86 -16.18 1.74 13.72
C ILE B 86 -16.81 3.11 13.95
N ASN B 87 -15.98 4.12 14.12
CA ASN B 87 -16.48 5.47 14.36
C ASN B 87 -17.10 6.02 13.07
N PRO B 88 -18.33 6.56 13.13
CA PRO B 88 -18.94 7.06 11.90
C PRO B 88 -18.18 8.22 11.26
N GLU B 89 -17.73 9.18 12.06
CA GLU B 89 -17.00 10.31 11.48
C GLU B 89 -15.59 9.91 11.06
N GLY B 90 -14.99 8.93 11.74
CA GLY B 90 -13.70 8.42 11.29
C GLY B 90 -13.78 7.79 9.92
N PHE B 91 -14.84 7.02 9.67
CA PHE B 91 -15.07 6.49 8.32
C PHE B 91 -15.46 7.61 7.35
N ASN B 92 -16.13 8.65 7.85
CA ASN B 92 -16.53 9.75 6.98
C ASN B 92 -15.32 10.52 6.45
N ILE B 93 -14.31 10.72 7.30
CA ILE B 93 -13.10 11.40 6.86
C ILE B 93 -12.37 10.57 5.80
N LEU B 94 -12.38 9.25 5.96
CA LEU B 94 -11.71 8.39 4.99
C LEU B 94 -12.47 8.34 3.67
N LEU B 95 -13.80 8.26 3.74
CA LEU B 95 -14.59 8.23 2.51
C LEU B 95 -14.43 9.51 1.71
N ASP B 96 -14.43 10.66 2.38
CA ASP B 96 -14.17 11.92 1.69
C ASP B 96 -12.75 11.96 1.13
N PHE B 97 -11.80 11.28 1.79
CA PHE B 97 -10.45 11.20 1.26
C PHE B 97 -10.39 10.36 -0.01
N MET B 98 -11.23 9.33 -0.12
CA MET B 98 -11.21 8.48 -1.30
C MET B 98 -11.61 9.25 -2.55
N TYR B 99 -12.52 10.21 -2.43
CA TYR B 99 -13.02 10.95 -3.57
C TYR B 99 -12.33 12.31 -3.77
N THR B 100 -11.56 12.78 -2.79
CA THR B 100 -10.96 14.10 -2.86
C THR B 100 -9.46 14.13 -2.66
N SER B 101 -8.82 13.01 -2.28
CA SER B 101 -7.40 12.95 -1.98
C SER B 101 -7.00 13.87 -0.84
N ARG B 102 -7.96 14.28 -0.02
CA ARG B 102 -7.72 15.18 1.11
C ARG B 102 -7.99 14.42 2.41
N LEU B 103 -6.99 14.40 3.29
CA LEU B 103 -7.09 13.75 4.59
C LEU B 103 -7.01 14.83 5.67
N ASN B 104 -8.14 15.14 6.29
CA ASN B 104 -8.21 16.16 7.34
C ASN B 104 -7.91 15.51 8.67
N LEU B 105 -6.75 15.83 9.25
CA LEU B 105 -6.30 15.24 10.50
C LEU B 105 -6.14 16.32 11.56
N ARG B 106 -6.68 16.07 12.75
CA ARG B 106 -6.49 16.92 13.91
C ARG B 106 -5.97 16.05 15.06
N GLU B 107 -5.65 16.69 16.18
CA GLU B 107 -5.18 15.96 17.35
C GLU B 107 -6.28 15.17 18.04
N GLY B 108 -7.54 15.33 17.62
CA GLY B 108 -8.64 14.63 18.26
C GLY B 108 -9.20 13.49 17.42
N ASN B 109 -9.38 13.73 16.13
CA ASN B 109 -9.99 12.72 15.26
C ASN B 109 -8.98 11.71 14.73
N ILE B 110 -7.68 11.95 14.90
CA ILE B 110 -6.67 11.05 14.35
C ILE B 110 -6.75 9.67 14.98
N MET B 111 -7.34 9.56 16.17
CA MET B 111 -7.54 8.25 16.78
C MET B 111 -8.49 7.40 15.96
N ALA B 112 -9.66 7.96 15.63
CA ALA B 112 -10.66 7.20 14.88
C ALA B 112 -10.27 7.06 13.41
N VAL B 113 -9.48 7.99 12.88
CA VAL B 113 -9.09 7.91 11.47
C VAL B 113 -8.14 6.74 11.25
N MET B 114 -7.06 6.66 12.04
CA MET B 114 -6.09 5.58 11.86
C MET B 114 -6.70 4.24 12.22
N ALA B 115 -7.54 4.19 13.26
CA ALA B 115 -8.18 2.94 13.63
C ALA B 115 -9.10 2.44 12.53
N THR B 116 -9.85 3.35 11.90
CA THR B 116 -10.70 2.96 10.77
C THR B 116 -9.89 2.73 9.51
N ALA B 117 -8.73 3.39 9.38
CA ALA B 117 -7.90 3.20 8.19
C ALA B 117 -7.37 1.78 8.12
N MET B 118 -6.87 1.25 9.23
CA MET B 118 -6.40 -0.13 9.25
C MET B 118 -7.54 -1.13 9.21
N TYR B 119 -8.74 -0.74 9.64
CA TYR B 119 -9.90 -1.60 9.48
C TYR B 119 -10.29 -1.72 8.01
N LEU B 120 -10.26 -0.61 7.28
CA LEU B 120 -10.52 -0.61 5.84
C LEU B 120 -9.33 -1.08 5.03
N GLN B 121 -8.22 -1.44 5.68
CA GLN B 121 -7.01 -1.89 5.01
C GLN B 121 -6.48 -0.83 4.04
N MET B 122 -6.09 0.31 4.60
CA MET B 122 -5.52 1.43 3.86
C MET B 122 -4.14 1.72 4.47
N GLU B 123 -3.15 0.94 4.05
CA GLU B 123 -1.84 1.01 4.69
C GLU B 123 -1.18 2.38 4.50
N HIS B 124 -1.40 3.01 3.34
CA HIS B 124 -0.77 4.31 3.11
C HIS B 124 -1.34 5.37 4.03
N VAL B 125 -2.64 5.28 4.37
CA VAL B 125 -3.22 6.20 5.32
C VAL B 125 -2.76 5.89 6.74
N VAL B 126 -2.60 4.61 7.05
CA VAL B 126 -2.13 4.20 8.37
C VAL B 126 -0.72 4.72 8.63
N ASP B 127 0.15 4.60 7.62
CA ASP B 127 1.52 5.10 7.76
C ASP B 127 1.56 6.62 7.88
N THR B 128 0.62 7.31 7.24
CA THR B 128 0.58 8.76 7.35
C THR B 128 0.13 9.19 8.75
N CYS B 129 -0.87 8.50 9.31
CA CYS B 129 -1.31 8.80 10.67
C CYS B 129 -0.23 8.46 11.68
N ARG B 130 0.50 7.36 11.45
CA ARG B 130 1.60 7.00 12.35
C ARG B 130 2.73 8.02 12.26
N LYS B 131 2.97 8.59 11.07
CA LYS B 131 3.96 9.66 10.95
C LYS B 131 3.53 10.89 11.74
N PHE B 132 2.24 11.21 11.72
CA PHE B 132 1.74 12.37 12.46
C PHE B 132 1.93 12.18 13.96
N ILE B 133 1.55 11.01 14.48
CA ILE B 133 1.65 10.76 15.92
C ILE B 133 3.10 10.72 16.36
N LYS B 134 3.97 10.14 15.54
CA LYS B 134 5.41 10.13 15.84
C LYS B 134 6.07 11.49 15.62
N ALA B 135 5.28 12.54 15.36
CA ALA B 135 5.80 13.89 15.21
C ALA B 135 5.12 14.90 16.12
N SER B 136 4.09 14.49 16.87
CA SER B 136 3.41 15.40 17.78
C SER B 136 3.27 14.78 19.17
N PRO C 1 18.52 -3.02 -16.99
CA PRO C 1 17.17 -3.54 -16.86
C PRO C 1 16.94 -4.83 -17.64
N TYR C 2 18.00 -5.63 -17.77
CA TYR C 2 17.93 -6.92 -18.44
C TYR C 2 19.12 -7.77 -18.02
N PHE C 3 20.32 -7.21 -18.16
CA PHE C 3 21.55 -7.87 -17.73
C PHE C 3 22.61 -6.80 -17.53
N VAL C 4 23.38 -6.93 -16.46
CA VAL C 4 24.51 -6.04 -16.22
C VAL C 4 25.76 -6.89 -16.17
N GLU C 5 26.88 -6.27 -16.54
CA GLU C 5 28.14 -6.99 -16.74
C GLU C 5 28.92 -7.06 -15.43
N THR C 6 29.25 -8.26 -15.01
CA THR C 6 30.14 -8.51 -13.89
C THR C 6 31.53 -8.85 -14.42
N PRO C 7 32.54 -8.84 -13.56
CA PRO C 7 33.88 -9.28 -14.00
C PRO C 7 33.84 -10.68 -14.58
N TYR C 8 34.77 -10.93 -15.52
CA TYR C 8 34.91 -12.22 -16.20
C TYR C 8 33.69 -12.55 -17.05
N GLY C 9 32.97 -11.52 -17.52
CA GLY C 9 31.94 -11.68 -18.51
C GLY C 9 30.61 -12.20 -18.02
N PHE C 10 30.49 -12.57 -16.74
CA PHE C 10 29.22 -13.07 -16.24
C PHE C 10 28.21 -11.93 -16.08
N GLN C 11 26.95 -12.30 -15.92
CA GLN C 11 25.85 -11.35 -15.95
C GLN C 11 25.03 -11.42 -14.65
N LEU C 12 24.28 -10.36 -14.40
CA LEU C 12 23.24 -10.35 -13.38
C LEU C 12 21.89 -10.28 -14.09
N ASP C 13 21.04 -11.26 -13.85
CA ASP C 13 19.76 -11.35 -14.54
C ASP C 13 18.80 -10.34 -13.93
N LEU C 14 18.46 -9.31 -14.70
CA LEU C 14 17.49 -8.30 -14.30
C LEU C 14 16.23 -8.35 -15.15
N ASP C 15 15.85 -9.55 -15.62
CA ASP C 15 14.65 -9.69 -16.41
C ASP C 15 13.38 -9.34 -15.63
N PHE C 16 13.42 -9.44 -14.31
CA PHE C 16 12.27 -9.03 -13.50
C PHE C 16 12.11 -7.52 -13.51
N VAL C 17 13.21 -6.77 -13.66
CA VAL C 17 13.12 -5.32 -13.74
C VAL C 17 12.41 -4.91 -15.02
N LYS C 18 12.73 -5.56 -16.14
CA LYS C 18 12.05 -5.26 -17.40
C LYS C 18 10.63 -5.82 -17.40
N TYR C 19 10.39 -6.92 -16.67
CA TYR C 19 9.05 -7.47 -16.60
C TYR C 19 8.10 -6.53 -15.87
N VAL C 20 8.60 -5.76 -14.91
CA VAL C 20 7.75 -4.78 -14.24
C VAL C 20 7.49 -3.58 -15.15
N ASP C 21 8.50 -3.20 -15.95
CA ASP C 21 8.32 -2.09 -16.87
C ASP C 21 7.25 -2.40 -17.91
N ASP C 22 7.21 -3.64 -18.41
CA ASP C 22 6.19 -4.01 -19.39
C ASP C 22 4.80 -3.97 -18.78
N ILE C 23 4.69 -4.12 -17.46
CA ILE C 23 3.39 -4.07 -16.80
C ILE C 23 2.95 -2.63 -16.59
N GLN C 24 3.89 -1.75 -16.21
CA GLN C 24 3.53 -0.37 -15.94
C GLN C 24 3.06 0.35 -17.19
N LYS C 25 3.69 0.08 -18.33
CA LYS C 25 3.29 0.68 -19.59
C LYS C 25 3.49 -0.34 -20.71
N GLY C 26 2.41 -0.70 -21.39
CA GLY C 26 2.47 -1.67 -22.46
C GLY C 26 1.22 -2.51 -22.59
N ILE C 36 5.92 5.74 -30.51
CA ILE C 36 6.67 5.46 -29.30
C ILE C 36 6.89 6.75 -28.52
N THR C 37 6.74 7.88 -29.22
CA THR C 37 6.98 9.18 -28.60
C THR C 37 5.86 9.52 -27.62
N THR C 38 6.24 9.96 -26.42
CA THR C 38 5.28 10.38 -25.42
C THR C 38 5.11 11.89 -25.48
N ILE C 39 3.87 12.34 -25.34
CA ILE C 39 3.51 13.76 -25.42
C ILE C 39 2.69 14.11 -24.19
N LYS C 40 3.12 15.13 -23.46
CA LYS C 40 2.41 15.57 -22.26
C LYS C 40 1.36 16.62 -22.61
N GLU C 41 0.30 16.66 -21.81
CA GLU C 41 -0.78 17.62 -21.99
C GLU C 41 -1.33 17.95 -20.61
N MET C 42 -0.98 19.13 -20.09
CA MET C 42 -1.44 19.56 -18.78
C MET C 42 -2.86 20.14 -18.80
N GLY C 43 -3.51 20.20 -19.96
CA GLY C 43 -4.86 20.69 -20.03
C GLY C 43 -5.87 19.67 -19.51
N ARG C 44 -7.08 20.16 -19.26
CA ARG C 44 -8.15 19.30 -18.78
C ARG C 44 -8.51 18.26 -19.85
N SER C 45 -8.67 17.02 -19.41
CA SER C 45 -8.84 15.90 -20.33
C SER C 45 -10.30 15.60 -20.64
N ILE C 46 -11.19 15.71 -19.65
CA ILE C 46 -12.58 15.31 -19.80
C ILE C 46 -13.48 16.44 -19.31
N HIS C 47 -14.77 16.31 -19.62
CA HIS C 47 -15.73 17.32 -19.22
C HIS C 47 -15.92 17.33 -17.70
N GLU C 48 -16.17 18.51 -17.15
CA GLU C 48 -16.41 18.67 -15.72
C GLU C 48 -17.91 18.62 -15.46
N ILE C 49 -18.29 17.84 -14.46
CA ILE C 49 -19.70 17.63 -14.12
C ILE C 49 -20.17 18.73 -13.17
N PRO C 50 -21.28 19.40 -13.45
CA PRO C 50 -21.79 20.41 -12.51
C PRO C 50 -22.31 19.76 -11.24
N ARG C 51 -22.31 20.56 -10.17
CA ARG C 51 -22.75 20.09 -8.86
C ARG C 51 -24.26 19.84 -8.83
N PRO D 4 44.18 -8.69 7.87
CA PRO D 4 42.92 -8.29 8.50
C PRO D 4 42.33 -7.03 7.89
N PHE D 5 41.25 -7.18 7.12
CA PHE D 5 40.58 -6.04 6.50
C PHE D 5 39.15 -6.45 6.19
N THR D 6 38.38 -5.51 5.65
CA THR D 6 36.97 -5.69 5.30
C THR D 6 36.13 -6.12 6.49
N LYS D 7 36.63 -5.92 7.71
CA LYS D 7 35.90 -6.37 8.89
C LYS D 7 34.70 -5.46 9.17
N HIS D 8 34.85 -4.16 8.91
CA HIS D 8 33.77 -3.20 9.13
C HIS D 8 32.86 -3.06 7.91
N GLY D 9 32.92 -3.99 6.98
CA GLY D 9 32.01 -4.03 5.86
C GLY D 9 31.20 -5.31 5.87
N GLN D 10 31.70 -6.30 6.61
CA GLN D 10 31.00 -7.57 6.71
C GLN D 10 29.74 -7.46 7.55
N LYS D 11 29.71 -6.52 8.50
CA LYS D 11 28.57 -6.38 9.40
C LYS D 11 27.28 -6.12 8.61
N GLU D 12 27.38 -5.38 7.50
CA GLU D 12 26.21 -5.15 6.67
C GLU D 12 25.71 -6.47 6.07
N CYS D 13 26.61 -7.32 5.62
CA CYS D 13 26.21 -8.63 5.09
C CYS D 13 25.65 -9.51 6.20
N ASP D 14 26.29 -9.51 7.37
CA ASP D 14 25.82 -10.36 8.46
C ASP D 14 24.44 -9.92 8.95
N ASN D 15 24.23 -8.61 9.10
CA ASN D 15 22.94 -8.13 9.59
C ASN D 15 21.86 -8.25 8.53
N ALA D 16 22.21 -8.07 7.25
CA ALA D 16 21.20 -8.19 6.20
C ALA D 16 20.66 -9.60 6.10
N LEU D 17 21.53 -10.60 6.23
CA LEU D 17 21.08 -11.98 6.17
C LEU D 17 20.17 -12.32 7.34
N ARG D 18 20.48 -11.80 8.52
CA ARG D 18 19.60 -12.00 9.67
C ARG D 18 18.21 -11.42 9.41
N GLN D 19 18.14 -10.24 8.79
CA GLN D 19 16.84 -9.68 8.42
C GLN D 19 16.12 -10.55 7.40
N LEU D 20 16.87 -11.21 6.52
CA LEU D 20 16.25 -12.14 5.57
C LEU D 20 15.74 -13.38 6.28
N GLU D 21 16.45 -13.84 7.31
CA GLU D 21 15.97 -14.97 8.09
C GLU D 21 14.70 -14.62 8.86
N THR D 22 14.54 -13.34 9.23
CA THR D 22 13.39 -12.93 10.03
C THR D 22 12.13 -12.82 9.18
N VAL D 23 12.23 -12.22 8.00
CA VAL D 23 11.06 -12.10 7.14
C VAL D 23 10.66 -13.45 6.57
N ARG D 24 11.62 -14.38 6.45
CA ARG D 24 11.30 -15.74 6.03
C ARG D 24 10.27 -16.39 6.96
N GLU D 25 10.23 -15.98 8.22
CA GLU D 25 9.29 -16.51 9.18
C GLU D 25 7.84 -16.16 8.82
N LEU D 26 7.63 -15.13 7.99
CA LEU D 26 6.27 -14.74 7.62
C LEU D 26 5.66 -15.72 6.63
N LEU D 27 6.48 -16.38 5.81
CA LEU D 27 5.98 -17.23 4.74
C LEU D 27 5.68 -18.65 5.18
N GLU D 28 6.13 -19.06 6.37
CA GLU D 28 6.02 -20.47 6.75
C GLU D 28 4.57 -20.89 6.95
N ASN D 29 3.75 -20.01 7.52
CA ASN D 29 2.34 -20.33 7.74
C ASN D 29 1.51 -19.07 7.93
N PRO D 30 1.08 -18.42 6.85
CA PRO D 30 0.19 -17.26 6.98
C PRO D 30 -1.21 -17.69 7.43
N VAL D 31 -1.62 -17.21 8.60
CA VAL D 31 -2.94 -17.53 9.13
C VAL D 31 -3.64 -16.24 9.56
N GLN D 32 -2.88 -15.15 9.61
CA GLN D 32 -3.42 -13.82 9.89
C GLN D 32 -2.59 -12.81 9.14
N PRO D 33 -3.18 -11.69 8.73
CA PRO D 33 -2.48 -10.78 7.82
C PRO D 33 -1.24 -10.15 8.46
N ILE D 34 -0.24 -9.88 7.63
CA ILE D 34 0.98 -9.25 8.10
C ILE D 34 0.74 -7.78 8.40
N ASN D 35 -0.04 -7.11 7.56
CA ASN D 35 -0.33 -5.70 7.75
C ASN D 35 -1.74 -5.36 7.31
N ASP D 36 -1.95 -4.15 6.81
CA ASP D 36 -3.26 -3.67 6.38
C ASP D 36 -3.22 -3.24 4.91
N MET D 37 -2.49 -4.00 4.09
CA MET D 37 -2.35 -3.65 2.69
C MET D 37 -3.51 -4.18 1.87
N SER D 38 -4.00 -3.35 0.95
CA SER D 38 -4.90 -3.83 -0.08
C SER D 38 -4.16 -4.81 -0.99
N TYR D 39 -4.92 -5.69 -1.65
CA TYR D 39 -4.30 -6.62 -2.58
C TYR D 39 -3.62 -5.87 -3.71
N PHE D 40 -4.27 -4.81 -4.22
CA PHE D 40 -3.62 -3.95 -5.20
C PHE D 40 -2.41 -3.24 -4.62
N GLY D 41 -2.47 -2.89 -3.32
CA GLY D 41 -1.31 -2.33 -2.67
C GLY D 41 -0.15 -3.31 -2.58
N CYS D 42 -0.45 -4.60 -2.54
CA CYS D 42 0.61 -5.61 -2.58
C CYS D 42 1.27 -5.65 -3.95
N LEU D 43 0.50 -5.52 -5.02
CA LEU D 43 1.08 -5.43 -6.36
C LEU D 43 1.96 -4.19 -6.48
N ASP D 44 1.49 -3.05 -5.97
CA ASP D 44 2.29 -1.83 -6.05
C ASP D 44 3.56 -1.96 -5.23
N SER D 45 3.48 -2.57 -4.04
CA SER D 45 4.65 -2.72 -3.20
C SER D 45 5.67 -3.66 -3.83
N VAL D 46 5.20 -4.76 -4.44
CA VAL D 46 6.12 -5.71 -5.04
C VAL D 46 6.79 -5.10 -6.27
N MET D 47 6.04 -4.36 -7.08
CA MET D 47 6.63 -3.78 -8.28
C MET D 47 7.59 -2.65 -7.94
N GLU D 48 7.31 -1.88 -6.89
CA GLU D 48 8.22 -0.81 -6.50
C GLU D 48 9.49 -1.36 -5.85
N ASN D 49 9.36 -2.41 -5.04
CA ASN D 49 10.54 -3.01 -4.44
C ASN D 49 11.41 -3.71 -5.47
N SER D 50 10.82 -4.19 -6.55
CA SER D 50 11.61 -4.77 -7.64
C SER D 50 12.46 -3.71 -8.32
N LYS D 51 11.92 -2.49 -8.45
CA LYS D 51 12.71 -1.38 -8.99
C LYS D 51 13.86 -1.03 -8.05
N VAL D 52 13.66 -1.16 -6.75
CA VAL D 52 14.72 -0.87 -5.79
C VAL D 52 15.75 -1.99 -5.75
N LEU D 53 15.29 -3.25 -5.79
CA LEU D 53 16.21 -4.38 -5.73
C LEU D 53 17.11 -4.44 -6.95
N GLY D 54 16.61 -4.02 -8.11
CA GLY D 54 17.43 -4.01 -9.31
C GLY D 54 18.63 -3.09 -9.18
N GLU D 55 18.40 -1.86 -8.70
CA GLU D 55 19.50 -0.93 -8.50
C GLU D 55 20.45 -1.41 -7.40
N ALA D 56 19.93 -2.16 -6.43
CA ALA D 56 20.77 -2.65 -5.34
C ALA D 56 21.73 -3.72 -5.83
N MET D 57 21.24 -4.66 -6.64
CA MET D 57 22.11 -5.75 -7.12
C MET D 57 23.22 -5.21 -8.00
N THR D 58 22.91 -4.24 -8.86
CA THR D 58 23.95 -3.61 -9.68
C THR D 58 24.98 -2.91 -8.82
N GLY D 59 24.54 -2.30 -7.72
CA GLY D 59 25.48 -1.68 -6.80
C GLY D 59 26.33 -2.70 -6.06
N ILE D 60 25.76 -3.87 -5.75
CA ILE D 60 26.53 -4.91 -5.06
C ILE D 60 27.68 -5.40 -5.94
N SER D 61 27.40 -5.62 -7.23
CA SER D 61 28.42 -6.16 -8.12
C SER D 61 29.49 -5.12 -8.43
N GLN D 62 29.07 -3.91 -8.80
CA GLN D 62 30.03 -2.89 -9.23
C GLN D 62 30.90 -2.40 -8.06
N ASN D 63 30.35 -2.41 -6.84
CA ASN D 63 31.17 -2.05 -5.68
C ASN D 63 32.18 -3.14 -5.37
N ALA D 64 31.71 -4.34 -5.06
CA ALA D 64 32.60 -5.46 -4.76
C ALA D 64 33.59 -5.74 -5.88
N LYS D 65 33.38 -5.18 -7.07
CA LYS D 65 34.34 -5.35 -8.16
C LYS D 65 35.63 -4.59 -7.88
N ASN D 66 35.53 -3.37 -7.32
CA ASN D 66 36.69 -2.51 -7.15
C ASN D 66 36.55 -1.69 -5.86
N GLY D 67 36.62 -2.38 -4.73
CA GLY D 67 36.65 -1.68 -3.45
C GLY D 67 35.34 -0.98 -3.14
N ASN D 68 35.45 0.28 -2.70
CA ASN D 68 34.29 1.10 -2.36
C ASN D 68 33.35 0.36 -1.41
N LEU D 69 33.93 -0.18 -0.34
CA LEU D 69 33.15 -1.00 0.59
C LEU D 69 32.01 -0.24 1.27
N PRO D 70 32.13 1.06 1.62
CA PRO D 70 30.95 1.77 2.15
C PRO D 70 29.75 1.71 1.24
N GLU D 71 29.95 1.92 -0.07
CA GLU D 71 28.83 1.80 -1.01
C GLU D 71 28.36 0.36 -1.13
N PHE D 72 29.26 -0.61 -0.93
CA PHE D 72 28.86 -2.01 -0.93
C PHE D 72 27.93 -2.30 0.23
N GLY D 73 28.24 -1.77 1.41
CA GLY D 73 27.37 -1.95 2.56
C GLY D 73 26.03 -1.29 2.40
N ASP D 74 25.97 -0.18 1.66
CA ASP D 74 24.71 0.47 1.39
C ASP D 74 23.86 -0.36 0.43
N ALA D 75 24.48 -0.93 -0.60
CA ALA D 75 23.75 -1.77 -1.53
C ALA D 75 23.30 -3.08 -0.89
N ILE D 76 24.09 -3.61 0.05
CA ILE D 76 23.69 -4.81 0.75
C ILE D 76 22.48 -4.53 1.64
N ALA D 77 22.52 -3.41 2.38
CA ALA D 77 21.38 -3.04 3.21
C ALA D 77 20.17 -2.66 2.37
N THR D 78 20.37 -2.05 1.21
CA THR D 78 19.26 -1.70 0.34
C THR D 78 18.60 -2.95 -0.24
N ALA D 79 19.42 -3.91 -0.71
CA ALA D 79 18.87 -5.16 -1.21
C ALA D 79 18.14 -5.93 -0.13
N SER D 80 18.60 -5.82 1.12
CA SER D 80 17.93 -6.51 2.22
C SER D 80 16.54 -5.94 2.46
N LYS D 81 16.43 -4.62 2.61
CA LYS D 81 15.13 -4.01 2.88
C LYS D 81 14.18 -4.16 1.70
N ALA D 82 14.72 -4.22 0.48
CA ALA D 82 13.85 -4.44 -0.68
C ALA D 82 13.27 -5.85 -0.67
N LEU D 83 14.10 -6.84 -0.30
CA LEU D 83 13.60 -8.21 -0.20
C LEU D 83 12.63 -8.37 0.96
N CYS D 84 12.80 -7.59 2.02
CA CYS D 84 11.85 -7.63 3.13
C CYS D 84 10.49 -7.11 2.69
N GLY D 85 10.47 -6.04 1.89
CA GLY D 85 9.21 -5.57 1.33
C GLY D 85 8.58 -6.56 0.38
N PHE D 86 9.42 -7.32 -0.35
CA PHE D 86 8.91 -8.40 -1.17
C PHE D 86 8.17 -9.43 -0.33
N THR D 87 8.81 -9.89 0.74
CA THR D 87 8.22 -10.95 1.56
C THR D 87 6.95 -10.48 2.26
N GLU D 88 6.97 -9.26 2.80
CA GLU D 88 5.81 -8.75 3.51
C GLU D 88 4.60 -8.61 2.60
N ALA D 89 4.81 -8.11 1.38
CA ALA D 89 3.70 -7.99 0.44
C ALA D 89 3.28 -9.33 -0.11
N ALA D 90 4.23 -10.27 -0.26
CA ALA D 90 3.89 -11.60 -0.74
C ALA D 90 3.11 -12.39 0.30
N ALA D 91 3.51 -12.28 1.57
CA ALA D 91 2.80 -12.97 2.64
C ALA D 91 1.41 -12.37 2.84
N GLN D 92 1.30 -11.04 2.72
CA GLN D 92 0.00 -10.40 2.84
C GLN D 92 -0.92 -10.81 1.70
N ALA D 93 -0.40 -10.84 0.47
CA ALA D 93 -1.21 -11.26 -0.67
C ALA D 93 -1.57 -12.73 -0.56
N ALA D 94 -0.63 -13.58 -0.12
CA ALA D 94 -0.92 -15.00 0.03
C ALA D 94 -2.02 -15.23 1.05
N TYR D 95 -2.05 -14.44 2.12
CA TYR D 95 -3.12 -14.57 3.11
C TYR D 95 -4.47 -14.18 2.51
N LEU D 96 -4.51 -13.08 1.76
CA LEU D 96 -5.77 -12.62 1.18
C LEU D 96 -6.32 -13.64 0.18
N VAL D 97 -5.43 -14.28 -0.58
CA VAL D 97 -5.87 -15.32 -1.51
C VAL D 97 -6.43 -16.51 -0.75
N GLY D 98 -5.85 -16.82 0.41
CA GLY D 98 -6.31 -17.97 1.17
C GLY D 98 -7.70 -17.76 1.75
N VAL D 99 -7.90 -16.62 2.44
CA VAL D 99 -9.19 -16.36 3.08
C VAL D 99 -10.26 -16.03 2.05
N SER D 100 -9.89 -15.72 0.81
CA SER D 100 -10.87 -15.38 -0.20
C SER D 100 -11.69 -16.60 -0.64
N ASP D 101 -11.21 -17.81 -0.35
CA ASP D 101 -11.96 -19.01 -0.70
C ASP D 101 -13.26 -19.06 0.10
N PRO D 102 -14.38 -19.42 -0.53
CA PRO D 102 -15.66 -19.43 0.18
C PRO D 102 -15.74 -20.45 1.30
N ASN D 103 -14.82 -21.42 1.35
CA ASN D 103 -14.79 -22.42 2.41
C ASN D 103 -13.67 -22.18 3.42
N SER D 104 -13.18 -20.95 3.51
CA SER D 104 -12.15 -20.59 4.47
C SER D 104 -12.78 -19.80 5.62
N GLN D 105 -11.95 -19.42 6.59
CA GLN D 105 -12.38 -18.65 7.73
C GLN D 105 -11.54 -17.39 7.85
N ALA D 106 -11.91 -16.53 8.78
CA ALA D 106 -11.23 -15.27 9.03
C ALA D 106 -10.46 -15.33 10.35
N GLY D 107 -9.31 -14.67 10.39
CA GLY D 107 -8.48 -14.63 11.57
C GLY D 107 -8.21 -13.22 12.05
N GLN D 108 -8.84 -12.84 13.15
CA GLN D 108 -8.68 -11.49 13.68
C GLN D 108 -7.32 -11.32 14.33
N GLN D 109 -6.73 -10.14 14.16
CA GLN D 109 -5.45 -9.82 14.75
C GLN D 109 -5.65 -9.30 16.17
N GLY D 110 -4.62 -9.48 17.00
CA GLY D 110 -4.73 -9.08 18.39
C GLY D 110 -4.92 -7.58 18.54
N LEU D 111 -5.75 -7.20 19.50
CA LEU D 111 -5.99 -5.77 19.76
C LEU D 111 -4.76 -5.07 20.30
N VAL D 112 -3.84 -5.81 20.93
CA VAL D 112 -2.59 -5.25 21.44
C VAL D 112 -1.46 -6.20 21.06
N GLU D 113 -0.24 -5.66 21.08
CA GLU D 113 0.96 -6.43 20.77
C GLU D 113 1.79 -6.59 22.04
N PRO D 114 1.71 -7.73 22.73
CA PRO D 114 2.40 -7.88 24.01
C PRO D 114 3.92 -8.00 23.89
N THR D 115 4.52 -7.31 22.93
CA THR D 115 5.96 -7.25 22.77
C THR D 115 6.52 -5.86 22.96
N GLN D 116 5.85 -4.83 22.42
CA GLN D 116 6.28 -3.46 22.67
C GLN D 116 6.04 -3.06 24.12
N PHE D 117 5.03 -3.64 24.77
CA PHE D 117 4.80 -3.37 26.18
C PHE D 117 5.78 -4.14 27.07
N ALA D 118 6.30 -5.26 26.58
CA ALA D 118 7.28 -6.02 27.35
C ALA D 118 8.63 -5.32 27.36
N ARG D 119 9.05 -4.78 26.21
CA ARG D 119 10.30 -4.03 26.15
C ARG D 119 10.19 -2.73 26.94
N ALA D 120 9.01 -2.09 26.90
CA ALA D 120 8.81 -0.88 27.70
C ALA D 120 8.75 -1.19 29.19
N ASN D 121 8.33 -2.41 29.55
CA ASN D 121 8.37 -2.81 30.95
C ASN D 121 9.80 -2.98 31.43
N GLN D 122 10.66 -3.58 30.61
CA GLN D 122 12.07 -3.69 30.97
C GLN D 122 12.79 -2.34 30.93
N ALA D 123 12.22 -1.35 30.22
CA ALA D 123 12.82 -0.02 30.22
C ALA D 123 12.69 0.65 31.59
N ILE D 124 11.69 0.27 32.37
CA ILE D 124 11.54 0.78 33.72
C ILE D 124 11.93 -0.25 34.78
N GLN D 125 11.81 -1.55 34.49
CA GLN D 125 12.21 -2.57 35.45
C GLN D 125 13.71 -2.52 35.69
N MET D 126 14.52 -2.60 34.63
CA MET D 126 15.96 -2.49 34.78
C MET D 126 16.41 -1.09 35.15
N ALA D 127 15.53 -0.10 35.11
CA ALA D 127 15.85 1.25 35.54
C ALA D 127 15.50 1.53 36.99
N CYS D 128 14.78 0.62 37.65
CA CYS D 128 14.47 0.79 39.07
C CYS D 128 15.71 0.67 39.93
N GLN D 129 16.39 -0.47 39.85
CA GLN D 129 17.62 -0.65 40.63
C GLN D 129 18.79 0.13 40.06
N SER D 130 18.69 0.57 38.80
CA SER D 130 19.74 1.37 38.17
C SER D 130 19.72 2.82 38.60
N LEU D 131 19.01 3.14 39.69
CA LEU D 131 18.97 4.50 40.22
C LEU D 131 19.05 4.49 41.75
N GLY D 132 19.67 3.47 42.32
CA GLY D 132 19.79 3.36 43.76
C GLY D 132 20.49 2.09 44.22
N GLU D 133 21.66 1.82 43.67
CA GLU D 133 22.45 0.66 44.04
C GLU D 133 23.91 0.94 43.72
N PRO D 134 24.84 0.24 44.37
CA PRO D 134 26.27 0.43 44.04
C PRO D 134 26.61 -0.02 42.63
N GLY D 135 26.14 0.72 41.63
CA GLY D 135 26.39 0.40 40.25
C GLY D 135 26.13 1.57 39.33
N CYS D 136 24.95 2.17 39.47
CA CYS D 136 24.56 3.37 38.72
C CYS D 136 24.10 4.41 39.73
N THR D 137 24.92 5.45 39.93
CA THR D 137 24.66 6.44 40.96
C THR D 137 23.80 7.59 40.43
N GLN D 138 23.95 8.77 41.04
CA GLN D 138 23.14 9.93 40.70
C GLN D 138 23.62 10.60 39.42
N ALA D 139 23.44 11.92 39.33
CA ALA D 139 23.88 12.73 38.19
C ALA D 139 23.23 12.31 36.88
N GLN D 140 23.44 11.06 36.47
CA GLN D 140 22.90 10.55 35.21
C GLN D 140 21.38 10.56 35.20
N VAL D 141 20.79 11.73 35.03
CA VAL D 141 19.34 11.85 34.88
C VAL D 141 18.93 12.24 33.48
N LEU D 142 19.85 12.75 32.65
CA LEU D 142 19.50 13.09 31.27
C LEU D 142 19.21 11.85 30.45
N SER D 143 19.96 10.77 30.69
CA SER D 143 19.77 9.52 29.95
C SER D 143 18.77 8.59 30.63
N ALA D 144 18.87 8.43 31.95
CA ALA D 144 18.03 7.47 32.66
C ALA D 144 16.55 7.83 32.58
N ALA D 145 16.22 9.09 32.31
CA ALA D 145 14.83 9.53 32.23
C ALA D 145 14.30 9.62 30.81
N THR D 146 15.14 10.04 29.85
CA THR D 146 14.67 10.24 28.50
C THR D 146 14.48 8.93 27.74
N ILE D 147 15.37 7.95 27.96
CA ILE D 147 15.28 6.68 27.24
C ILE D 147 14.03 5.92 27.63
N VAL D 148 13.45 6.19 28.80
CA VAL D 148 12.22 5.54 29.23
C VAL D 148 11.00 6.43 29.03
N ALA D 149 11.18 7.76 29.02
CA ALA D 149 10.05 8.65 28.77
C ALA D 149 9.53 8.52 27.34
N LYS D 150 10.41 8.20 26.39
CA LYS D 150 9.97 7.94 25.03
C LYS D 150 9.10 6.68 24.97
N HIS D 151 9.35 5.72 25.86
CA HIS D 151 8.56 4.49 25.88
C HIS D 151 7.25 4.67 26.64
N THR D 152 7.23 5.55 27.65
CA THR D 152 5.98 5.83 28.35
C THR D 152 5.04 6.64 27.48
N SER D 153 5.59 7.56 26.67
CA SER D 153 4.77 8.31 25.72
C SER D 153 4.28 7.39 24.60
N ALA D 154 5.14 6.50 24.13
CA ALA D 154 4.71 5.50 23.16
C ALA D 154 3.75 4.49 23.78
N LEU D 155 3.83 4.31 25.11
CA LEU D 155 2.86 3.47 25.78
C LEU D 155 1.46 4.08 25.74
N CYS D 156 1.37 5.39 25.99
CA CYS D 156 0.07 6.07 25.91
C CYS D 156 -0.43 6.11 24.46
N ASN D 157 0.47 6.24 23.50
CA ASN D 157 0.05 6.24 22.09
C ASN D 157 -0.47 4.87 21.67
N SER D 158 0.27 3.81 22.02
CA SER D 158 -0.17 2.46 21.66
C SER D 158 -1.44 2.07 22.42
N CYS D 159 -1.56 2.51 23.67
CA CYS D 159 -2.76 2.18 24.44
C CYS D 159 -3.97 2.99 23.98
N ARG D 160 -3.74 4.18 23.41
CA ARG D 160 -4.84 5.00 22.92
C ARG D 160 -5.46 4.39 21.67
N LEU D 161 -4.63 4.07 20.67
CA LEU D 161 -5.15 3.47 19.45
C LEU D 161 -5.72 2.07 19.70
N ALA D 162 -5.24 1.39 20.74
CA ALA D 162 -5.79 0.08 21.09
C ALA D 162 -7.24 0.20 21.57
N SER D 163 -7.59 1.32 22.21
CA SER D 163 -8.97 1.52 22.64
C SER D 163 -9.88 1.85 21.46
N ALA D 164 -9.36 2.57 20.47
CA ALA D 164 -10.16 2.97 19.31
C ALA D 164 -10.49 1.80 18.38
N ARG D 165 -10.05 0.58 18.70
CA ARG D 165 -10.37 -0.58 17.87
C ARG D 165 -11.27 -1.59 18.57
N THR D 166 -11.26 -1.64 19.90
CA THR D 166 -12.10 -2.58 20.63
C THR D 166 -13.56 -2.15 20.60
N ALA D 167 -14.45 -3.14 20.56
CA ALA D 167 -15.88 -2.91 20.58
C ALA D 167 -16.43 -2.75 22.00
N ASN D 168 -15.85 -3.43 22.97
CA ASN D 168 -16.31 -3.34 24.34
C ASN D 168 -15.91 -2.01 24.94
N PRO D 169 -16.86 -1.16 25.35
CA PRO D 169 -16.48 0.08 26.04
C PRO D 169 -15.89 -0.19 27.41
N THR D 170 -16.06 -1.39 27.96
CA THR D 170 -15.40 -1.73 29.21
C THR D 170 -13.88 -1.75 29.04
N ALA D 171 -13.41 -2.31 27.93
CA ALA D 171 -11.98 -2.29 27.65
C ALA D 171 -11.52 -0.90 27.22
N LYS D 172 -12.29 -0.25 26.35
CA LYS D 172 -11.93 1.09 25.88
C LYS D 172 -11.84 2.08 27.05
N ARG D 173 -12.75 1.97 28.02
CA ARG D 173 -12.64 2.81 29.21
C ARG D 173 -11.41 2.43 30.03
N GLN D 174 -11.07 1.15 30.08
CA GLN D 174 -9.92 0.72 30.86
C GLN D 174 -8.62 1.08 30.15
N PHE D 175 -8.59 1.01 28.82
CA PHE D 175 -7.40 1.42 28.09
C PHE D 175 -7.13 2.91 28.27
N VAL D 176 -8.17 3.74 28.15
CA VAL D 176 -8.01 5.18 28.37
C VAL D 176 -7.61 5.45 29.81
N GLN D 177 -8.20 4.70 30.76
CA GLN D 177 -7.81 4.86 32.16
C GLN D 177 -6.37 4.44 32.39
N SER D 178 -5.98 3.28 31.85
CA SER D 178 -4.61 2.80 32.02
C SER D 178 -3.62 3.71 31.30
N ALA D 179 -4.02 4.31 30.19
CA ALA D 179 -3.13 5.25 29.50
C ALA D 179 -2.96 6.53 30.29
N LYS D 180 -4.03 7.00 30.93
CA LYS D 180 -3.93 8.19 31.78
C LYS D 180 -3.21 7.90 33.08
N GLU D 181 -3.17 6.65 33.52
CA GLU D 181 -2.41 6.30 34.72
C GLU D 181 -0.91 6.41 34.47
N VAL D 182 -0.44 5.89 33.34
CA VAL D 182 0.97 6.01 33.00
C VAL D 182 1.33 7.45 32.68
N ALA D 183 0.36 8.23 32.19
CA ALA D 183 0.63 9.62 31.85
C ALA D 183 0.68 10.50 33.10
N ASN D 184 -0.33 10.40 33.97
CA ASN D 184 -0.35 11.23 35.17
C ASN D 184 0.72 10.84 36.16
N SER D 185 1.10 9.56 36.19
CA SER D 185 2.22 9.15 37.04
C SER D 185 3.53 9.75 36.55
N THR D 186 3.70 9.82 35.22
CA THR D 186 4.84 10.54 34.67
C THR D 186 4.68 12.04 34.87
N ALA D 187 3.45 12.55 34.89
CA ALA D 187 3.22 13.96 35.16
C ALA D 187 3.65 14.31 36.59
N ASN D 188 3.41 13.41 37.54
CA ASN D 188 3.96 13.57 38.88
C ASN D 188 5.48 13.46 38.90
N LEU D 189 6.06 12.76 37.93
CA LEU D 189 7.52 12.69 37.80
C LEU D 189 8.09 13.94 37.16
N VAL D 190 7.27 14.72 36.45
CA VAL D 190 7.74 15.98 35.87
C VAL D 190 8.19 16.93 36.97
N LYS D 191 7.45 16.97 38.09
CA LYS D 191 7.86 17.78 39.22
C LYS D 191 9.17 17.26 39.82
N THR D 192 9.40 15.95 39.76
CA THR D 192 10.65 15.40 40.25
C THR D 192 11.82 15.77 39.35
N ILE D 193 11.56 15.99 38.06
CA ILE D 193 12.61 16.46 37.16
C ILE D 193 12.76 17.98 37.24
N LYS D 194 11.66 18.68 37.55
CA LYS D 194 11.73 20.14 37.72
C LYS D 194 12.71 20.52 38.82
N ALA D 195 12.68 19.78 39.93
CA ALA D 195 13.63 19.96 41.02
C ALA D 195 14.63 18.80 41.00
N LEU D 196 15.36 18.63 42.11
CA LEU D 196 16.32 17.52 42.26
C LEU D 196 17.38 17.56 41.15
N ASP D 197 17.87 18.76 40.85
CA ASP D 197 18.91 18.92 39.82
C ASP D 197 20.29 18.94 40.46
N GLY D 198 20.60 19.99 41.21
CA GLY D 198 21.86 20.08 41.92
C GLY D 198 21.70 19.78 43.39
N ASP D 199 20.55 20.16 43.95
CA ASP D 199 20.22 19.88 45.35
C ASP D 199 19.53 18.52 45.41
N PHE D 200 20.35 17.47 45.32
CA PHE D 200 19.84 16.11 45.19
C PHE D 200 20.45 15.13 46.19
N THR D 201 21.20 15.61 47.18
CA THR D 201 21.74 14.74 48.22
C THR D 201 20.59 14.37 49.16
N GLU D 202 19.84 13.33 48.75
CA GLU D 202 18.60 12.87 49.37
C GLU D 202 17.72 14.02 49.84
N GLU D 203 17.74 15.14 49.11
CA GLU D 203 16.90 16.28 49.46
C GLU D 203 15.46 16.07 48.99
N ASN D 204 15.29 15.43 47.84
CA ASN D 204 13.95 15.09 47.36
C ASN D 204 13.94 13.78 46.59
N ARG D 205 15.00 12.97 46.65
CA ARG D 205 15.03 11.72 45.91
C ARG D 205 14.02 10.72 46.49
N ALA D 206 13.68 10.86 47.77
CA ALA D 206 12.65 10.01 48.36
C ALA D 206 11.29 10.25 47.73
N GLN D 207 11.05 11.46 47.22
CA GLN D 207 9.82 11.76 46.51
C GLN D 207 9.93 11.52 45.01
N CYS D 208 11.15 11.55 44.47
CA CYS D 208 11.32 11.22 43.06
C CYS D 208 11.06 9.74 42.80
N ARG D 209 11.50 8.88 43.72
CA ARG D 209 11.13 7.47 43.63
C ARG D 209 9.67 7.25 43.98
N ALA D 210 9.09 8.12 44.82
CA ALA D 210 7.69 8.01 45.17
C ALA D 210 6.78 8.32 43.99
N ALA D 211 7.29 8.99 42.95
CA ALA D 211 6.55 9.18 41.71
C ALA D 211 6.74 8.03 40.74
N THR D 212 7.84 7.27 40.87
CA THR D 212 8.06 6.10 40.04
C THR D 212 7.26 4.89 40.51
N ALA D 213 6.88 4.84 41.79
CA ALA D 213 6.10 3.73 42.29
C ALA D 213 4.74 3.61 41.62
N PRO D 214 3.93 4.68 41.49
CA PRO D 214 2.72 4.56 40.68
C PRO D 214 3.01 4.48 39.19
N LEU D 215 4.20 4.89 38.76
CA LEU D 215 4.57 4.76 37.35
C LEU D 215 4.88 3.31 36.98
N LEU D 216 5.45 2.55 37.91
CA LEU D 216 5.77 1.15 37.63
C LEU D 216 4.59 0.22 37.86
N GLU D 217 3.77 0.48 38.88
CA GLU D 217 2.65 -0.40 39.17
C GLU D 217 1.49 -0.22 38.20
N ALA D 218 1.36 0.98 37.62
CA ALA D 218 0.37 1.19 36.57
C ALA D 218 0.79 0.54 35.26
N VAL D 219 2.09 0.55 34.95
CA VAL D 219 2.59 -0.16 33.78
C VAL D 219 2.40 -1.67 33.96
N ASP D 220 2.64 -2.18 35.17
CA ASP D 220 2.36 -3.58 35.45
C ASP D 220 0.87 -3.89 35.35
N ASN D 221 0.03 -2.92 35.72
CA ASN D 221 -1.42 -3.12 35.60
C ASN D 221 -1.86 -3.11 34.14
N LEU D 222 -1.22 -2.27 33.32
CA LEU D 222 -1.57 -2.23 31.90
C LEU D 222 -1.10 -3.47 31.17
N SER D 223 0.10 -3.96 31.52
CA SER D 223 0.62 -5.16 30.87
C SER D 223 -0.19 -6.40 31.24
N ALA D 224 -0.71 -6.46 32.46
CA ALA D 224 -1.53 -7.60 32.86
C ALA D 224 -2.87 -7.60 32.11
N PHE D 225 -3.38 -6.42 31.77
CA PHE D 225 -4.63 -6.33 31.02
C PHE D 225 -4.44 -6.60 29.54
N ALA D 226 -3.21 -6.53 29.03
CA ALA D 226 -2.96 -6.78 27.62
C ALA D 226 -3.08 -8.27 27.26
N SER D 227 -3.00 -9.15 28.25
CA SER D 227 -3.10 -10.60 28.04
C SER D 227 -4.44 -11.09 28.57
N ASN D 228 -5.50 -10.71 27.87
CA ASN D 228 -6.87 -11.06 28.21
C ASN D 228 -7.54 -11.71 27.02
N PRO D 229 -8.73 -12.28 27.20
CA PRO D 229 -9.52 -12.73 26.04
C PRO D 229 -9.79 -11.59 25.07
N GLU D 230 -10.32 -11.97 23.90
CA GLU D 230 -10.55 -11.06 22.78
C GLU D 230 -9.24 -10.46 22.26
N PHE D 231 -8.40 -9.95 23.16
CA PHE D 231 -7.10 -9.42 22.76
C PHE D 231 -6.20 -10.48 22.16
N SER D 232 -6.43 -11.76 22.49
CA SER D 232 -5.64 -12.84 21.93
C SER D 232 -5.99 -13.04 20.46
N SER D 233 -4.97 -13.04 19.60
CA SER D 233 -5.20 -13.20 18.17
C SER D 233 -5.72 -14.60 17.85
N VAL D 234 -6.51 -14.70 16.80
CA VAL D 234 -7.13 -15.94 16.36
C VAL D 234 -6.63 -16.24 14.96
N PRO D 235 -6.13 -17.46 14.69
CA PRO D 235 -5.69 -17.78 13.33
C PRO D 235 -6.86 -18.19 12.44
N ALA D 236 -6.77 -17.81 11.17
CA ALA D 236 -7.80 -18.16 10.21
C ALA D 236 -7.63 -19.62 9.77
N GLN D 237 -8.73 -20.19 9.30
CA GLN D 237 -8.76 -21.58 8.82
C GLN D 237 -8.77 -21.56 7.30
N ILE D 238 -7.60 -21.70 6.70
CA ILE D 238 -7.49 -21.68 5.24
C ILE D 238 -7.94 -23.02 4.70
N SER D 239 -8.87 -22.99 3.74
CA SER D 239 -9.40 -24.20 3.15
C SER D 239 -8.32 -24.91 2.32
N PRO D 240 -8.52 -26.20 2.03
CA PRO D 240 -7.56 -26.90 1.16
C PRO D 240 -7.37 -26.22 -0.20
N GLU D 241 -8.46 -25.74 -0.80
CA GLU D 241 -8.34 -25.00 -2.06
C GLU D 241 -7.67 -23.66 -1.85
N GLY D 242 -7.93 -23.02 -0.70
CA GLY D 242 -7.26 -21.76 -0.41
C GLY D 242 -5.78 -21.93 -0.17
N ARG D 243 -5.39 -23.05 0.46
CA ARG D 243 -3.97 -23.35 0.64
C ARG D 243 -3.30 -23.62 -0.70
N ALA D 244 -4.00 -24.31 -1.61
CA ALA D 244 -3.43 -24.62 -2.90
C ALA D 244 -3.26 -23.39 -3.78
N ALA D 245 -4.12 -22.39 -3.60
CA ALA D 245 -4.04 -21.18 -4.42
C ALA D 245 -2.97 -20.23 -3.93
N MET D 246 -2.71 -20.18 -2.62
CA MET D 246 -1.74 -19.26 -2.05
C MET D 246 -0.30 -19.79 -2.11
N GLU D 247 -0.12 -21.10 -2.28
CA GLU D 247 1.23 -21.65 -2.30
C GLU D 247 2.09 -21.15 -3.44
N PRO D 248 1.60 -21.02 -4.69
CA PRO D 248 2.47 -20.46 -5.74
C PRO D 248 3.07 -19.12 -5.40
N ILE D 249 2.37 -18.29 -4.63
CA ILE D 249 2.95 -17.04 -4.15
C ILE D 249 3.95 -17.31 -3.04
N VAL D 250 3.66 -18.29 -2.19
CA VAL D 250 4.55 -18.58 -1.06
C VAL D 250 5.82 -19.27 -1.54
N ILE D 251 5.70 -20.21 -2.48
CA ILE D 251 6.87 -20.95 -2.95
C ILE D 251 7.83 -20.02 -3.68
N SER D 252 7.29 -19.15 -4.55
CA SER D 252 8.15 -18.20 -5.25
C SER D 252 8.79 -17.20 -4.29
N ALA D 253 8.11 -16.89 -3.19
CA ALA D 253 8.68 -15.99 -2.18
C ALA D 253 9.76 -16.69 -1.37
N LYS D 254 9.55 -17.97 -1.04
CA LYS D 254 10.58 -18.73 -0.33
C LYS D 254 11.82 -18.90 -1.21
N THR D 255 11.62 -19.21 -2.49
CA THR D 255 12.76 -19.38 -3.39
C THR D 255 13.51 -18.07 -3.60
N MET D 256 12.80 -16.94 -3.58
CA MET D 256 13.46 -15.65 -3.75
C MET D 256 14.40 -15.36 -2.58
N LEU D 257 13.98 -15.68 -1.35
CA LEU D 257 14.81 -15.40 -0.18
C LEU D 257 16.01 -16.33 -0.13
N GLU D 258 15.79 -17.63 -0.37
CA GLU D 258 16.90 -18.59 -0.29
C GLU D 258 17.90 -18.37 -1.41
N SER D 259 17.45 -17.88 -2.57
CA SER D 259 18.37 -17.60 -3.67
C SER D 259 19.10 -16.28 -3.45
N ALA D 260 18.42 -15.28 -2.90
CA ALA D 260 19.06 -14.00 -2.64
C ALA D 260 20.00 -14.08 -1.44
N GLY D 261 19.71 -14.95 -0.48
CA GLY D 261 20.63 -15.14 0.63
C GLY D 261 21.96 -15.70 0.19
N GLY D 262 21.93 -16.68 -0.72
CA GLY D 262 23.17 -17.19 -1.28
C GLY D 262 23.87 -16.19 -2.16
N LEU D 263 23.12 -15.25 -2.74
CA LEU D 263 23.74 -14.19 -3.53
C LEU D 263 24.53 -13.24 -2.64
N ILE D 264 23.92 -12.81 -1.53
CA ILE D 264 24.64 -11.95 -0.58
C ILE D 264 25.79 -12.71 0.05
N GLN D 265 25.60 -14.01 0.31
CA GLN D 265 26.69 -14.82 0.85
C GLN D 265 27.84 -14.92 -0.13
N THR D 266 27.53 -15.10 -1.42
CA THR D 266 28.56 -15.08 -2.44
C THR D 266 29.15 -13.69 -2.61
N ALA D 267 28.32 -12.65 -2.49
CA ALA D 267 28.81 -11.28 -2.57
C ALA D 267 29.75 -10.96 -1.42
N ARG D 268 29.57 -11.62 -0.27
CA ARG D 268 30.48 -11.43 0.85
C ARG D 268 31.88 -11.93 0.49
N ALA D 269 31.96 -13.12 -0.10
CA ALA D 269 33.26 -13.67 -0.47
C ALA D 269 33.92 -12.85 -1.57
N LEU D 270 33.13 -12.35 -2.51
CA LEU D 270 33.68 -11.52 -3.58
C LEU D 270 34.05 -10.12 -3.09
N ALA D 271 33.39 -9.63 -2.03
CA ALA D 271 33.79 -8.37 -1.45
C ALA D 271 35.14 -8.49 -0.75
N VAL D 272 35.45 -9.67 -0.19
CA VAL D 272 36.75 -9.88 0.43
C VAL D 272 37.83 -9.98 -0.64
N ASN D 273 37.54 -10.69 -1.73
CA ASN D 273 38.49 -10.83 -2.84
C ASN D 273 37.72 -11.03 -4.14
N PRO D 274 37.68 -10.01 -5.00
CA PRO D 274 36.87 -10.14 -6.22
C PRO D 274 37.51 -11.03 -7.29
N ARG D 275 38.83 -11.17 -7.29
CA ARG D 275 39.52 -11.98 -8.31
C ARG D 275 39.23 -13.45 -8.05
N ASP D 276 38.06 -13.89 -8.52
CA ASP D 276 37.64 -15.27 -8.39
C ASP D 276 36.53 -15.56 -9.40
N PRO D 277 36.88 -16.01 -10.60
CA PRO D 277 35.87 -16.25 -11.65
C PRO D 277 34.83 -17.28 -11.23
N PRO D 278 35.21 -18.38 -10.53
CA PRO D 278 34.16 -19.30 -10.06
C PRO D 278 33.15 -18.63 -9.13
N ARG D 279 33.58 -17.71 -8.28
CA ARG D 279 32.63 -17.06 -7.37
C ARG D 279 31.70 -16.12 -8.13
N TRP D 280 32.21 -15.44 -9.16
CA TRP D 280 31.35 -14.61 -9.99
C TRP D 280 30.36 -15.45 -10.78
N SER D 281 30.72 -16.71 -11.08
CA SER D 281 29.79 -17.59 -11.76
C SER D 281 28.65 -18.02 -10.84
N VAL D 282 28.98 -18.27 -9.56
CA VAL D 282 27.94 -18.63 -8.60
C VAL D 282 27.00 -17.45 -8.37
N LEU D 283 27.53 -16.23 -8.34
CA LEU D 283 26.69 -15.06 -8.22
C LEU D 283 25.78 -14.91 -9.43
N ALA D 284 26.32 -15.18 -10.62
CA ALA D 284 25.49 -15.12 -11.83
C ALA D 284 24.38 -16.17 -11.78
N GLY D 285 24.67 -17.35 -11.23
CA GLY D 285 23.65 -18.37 -11.11
C GLY D 285 22.57 -18.00 -10.12
N HIS D 286 22.95 -17.39 -9.01
CA HIS D 286 21.95 -16.95 -8.03
C HIS D 286 21.16 -15.75 -8.54
N SER D 287 21.79 -14.89 -9.35
CA SER D 287 21.07 -13.74 -9.89
C SER D 287 19.94 -14.14 -10.81
N ARG D 288 20.09 -15.26 -11.52
CA ARG D 288 19.02 -15.73 -12.40
C ARG D 288 17.88 -16.36 -11.60
N THR D 289 18.22 -17.20 -10.61
CA THR D 289 17.19 -17.80 -9.77
C THR D 289 16.44 -16.74 -8.97
N VAL D 290 17.10 -15.64 -8.61
CA VAL D 290 16.42 -14.54 -7.95
C VAL D 290 15.44 -13.87 -8.90
N SER D 291 15.90 -13.55 -10.12
CA SER D 291 15.04 -12.89 -11.09
C SER D 291 13.88 -13.79 -11.50
N ASP D 292 14.13 -15.08 -11.66
CA ASP D 292 13.06 -16.01 -12.02
C ASP D 292 12.03 -16.12 -10.91
N SER D 293 12.49 -16.08 -9.65
CA SER D 293 11.55 -16.18 -8.53
C SER D 293 10.69 -14.93 -8.43
N ILE D 294 11.25 -13.76 -8.73
CA ILE D 294 10.47 -12.52 -8.68
C ILE D 294 9.45 -12.50 -9.80
N LYS D 295 9.85 -12.88 -11.02
CA LYS D 295 8.91 -12.91 -12.14
C LYS D 295 7.75 -13.86 -11.86
N LYS D 296 8.04 -15.05 -11.32
CA LYS D 296 6.97 -15.98 -11.01
C LYS D 296 6.13 -15.50 -9.84
N LEU D 297 6.72 -14.70 -8.94
CA LEU D 297 5.96 -14.15 -7.82
C LEU D 297 4.99 -13.07 -8.28
N ILE D 298 5.47 -12.15 -9.11
CA ILE D 298 4.61 -11.08 -9.61
C ILE D 298 3.52 -11.65 -10.51
N THR D 299 3.87 -12.62 -11.35
CA THR D 299 2.88 -13.22 -12.23
C THR D 299 1.81 -13.96 -11.44
N SER D 300 2.21 -14.66 -10.37
CA SER D 300 1.24 -15.38 -9.55
C SER D 300 0.32 -14.44 -8.80
N MET D 301 0.86 -13.33 -8.29
CA MET D 301 0.03 -12.36 -7.57
C MET D 301 -0.94 -11.67 -8.50
N ARG D 302 -0.56 -11.44 -9.76
CA ARG D 302 -1.45 -10.79 -10.71
C ARG D 302 -2.59 -11.72 -11.12
N ASP D 303 -2.28 -13.00 -11.38
CA ASP D 303 -3.32 -13.93 -11.82
C ASP D 303 -4.27 -14.28 -10.69
N LYS D 304 -3.78 -14.30 -9.45
CA LYS D 304 -4.57 -14.77 -8.31
C LYS D 304 -5.17 -13.61 -7.52
N ALA D 305 -5.78 -12.66 -8.22
CA ALA D 305 -6.51 -11.61 -7.54
C ALA D 305 -7.79 -12.18 -6.95
N PRO D 306 -8.17 -11.76 -5.74
CA PRO D 306 -9.39 -12.32 -5.11
C PRO D 306 -10.67 -12.07 -5.90
N GLY D 307 -10.63 -11.30 -6.96
CA GLY D 307 -11.80 -11.05 -7.78
C GLY D 307 -11.84 -11.88 -9.05
N GLN D 308 -10.71 -11.94 -9.75
CA GLN D 308 -10.64 -12.69 -10.99
C GLN D 308 -10.72 -14.19 -10.72
N LEU D 309 -11.31 -14.92 -11.66
CA LEU D 309 -11.46 -16.37 -11.53
C LEU D 309 -10.11 -17.07 -11.54
S SO4 E . -15.51 21.72 -19.42
O1 SO4 E . -15.06 20.74 -20.41
O2 SO4 E . -14.37 22.15 -18.63
O3 SO4 E . -16.09 22.87 -20.12
O4 SO4 E . -16.51 21.11 -18.56
S SO4 F . -2.36 -5.32 -13.45
O1 SO4 F . -1.76 -5.08 -14.75
O2 SO4 F . -1.91 -4.30 -12.51
O3 SO4 F . -1.97 -6.64 -12.97
O4 SO4 F . -3.81 -5.26 -13.58
C1 GOL G . 11.73 -25.81 2.97
O1 GOL G . 10.49 -26.16 2.44
C2 GOL G . 11.53 -25.55 4.47
O2 GOL G . 10.75 -24.43 4.71
C3 GOL G . 10.88 -26.85 5.00
O3 GOL G . 11.67 -27.91 4.58
S SO4 H . 39.02 -20.11 -3.95
O1 SO4 H . 38.97 -21.37 -3.23
O2 SO4 H . 40.39 -19.81 -4.34
O3 SO4 H . 38.52 -19.04 -3.08
O4 SO4 H . 38.18 -20.19 -5.13
S SO4 I . 32.83 -21.25 -2.00
O1 SO4 I . 34.18 -21.12 -2.56
O2 SO4 I . 32.29 -19.92 -1.77
O3 SO4 I . 32.88 -21.99 -0.75
O4 SO4 I . 31.99 -21.96 -2.96
#